data_5EUZ
#
_entry.id   5EUZ
#
_cell.length_a   61.911
_cell.length_b   61.911
_cell.length_c   66.490
_cell.angle_alpha   90.000
_cell.angle_beta   90.000
_cell.angle_gamma   120.000
#
_symmetry.space_group_name_H-M   'P 31 2 1'
#
loop_
_entity.id
_entity.type
_entity.pdbx_description
1 polymer Prestin,Prestin
2 non-polymer 'IODIDE ION'
3 non-polymer 1,2-ETHANEDIOL
4 non-polymer 'TRIETHYLENE GLYCOL'
5 non-polymer DI(HYDROXYETHYL)ETHER
6 water water
#
_entity_poly.entity_id   1
_entity_poly.type   'polypeptide(L)'
_entity_poly.pdbx_seq_one_letter_code
;SPSYTVLGQLPDTDVYIDIDAYEEVKEIPGIKIFQINAPIYYANSDLYSSALKRKTGVNGSENIHTVILDFTQVNF
(MSE)DSVGVKTLAGIVKEYGDVGIYVYLAGCSAQVVNDLTSNRFFENPALKELLFHSIHDAVLGSQVREA
;
_entity_poly.pdbx_strand_id   A
#
loop_
_chem_comp.id
_chem_comp.type
_chem_comp.name
_chem_comp.formula
EDO non-polymer 1,2-ETHANEDIOL 'C2 H6 O2'
IOD non-polymer 'IODIDE ION' 'I -1'
PEG non-polymer DI(HYDROXYETHYL)ETHER 'C4 H10 O3'
PGE non-polymer 'TRIETHYLENE GLYCOL' 'C6 H14 O4'
#
# COMPACT_ATOMS: atom_id res chain seq x y z
N SER A 1 5.03 0.79 -16.57
CA SER A 1 5.06 1.93 -15.65
C SER A 1 6.32 1.89 -14.77
N PRO A 2 7.17 2.91 -14.87
CA PRO A 2 8.39 2.90 -14.06
C PRO A 2 8.15 3.39 -12.62
N SER A 3 6.93 3.81 -12.32
CA SER A 3 6.64 4.47 -11.03
C SER A 3 5.82 3.60 -10.07
N TYR A 4 5.19 2.56 -10.60
CA TYR A 4 4.55 1.55 -9.76
C TYR A 4 4.50 0.22 -10.49
N THR A 5 4.46 -0.87 -9.72
CA THR A 5 4.33 -2.21 -10.27
C THR A 5 3.20 -2.95 -9.59
N VAL A 6 2.34 -3.59 -10.40
CA VAL A 6 1.30 -4.45 -9.86
C VAL A 6 1.92 -5.76 -9.42
N LEU A 7 1.67 -6.14 -8.18
CA LEU A 7 2.20 -7.39 -7.65
C LEU A 7 1.11 -8.45 -7.61
N GLY A 8 1.54 -9.70 -7.64
CA GLY A 8 0.65 -10.83 -7.50
C GLY A 8 1.24 -11.80 -6.51
N GLN A 9 0.48 -12.85 -6.20
CA GLN A 9 0.91 -13.87 -5.25
C GLN A 9 1.38 -15.12 -5.99
N LEU A 10 2.58 -15.59 -5.65
CA LEU A 10 3.01 -16.92 -6.08
C LEU A 10 2.18 -17.93 -5.29
N PRO A 11 1.32 -18.71 -5.98
CA PRO A 11 0.33 -19.57 -5.32
C PRO A 11 0.84 -20.40 -4.13
N ASP A 12 0.08 -20.36 -3.04
CA ASP A 12 0.38 -21.13 -1.83
C ASP A 12 1.68 -20.70 -1.14
N THR A 13 2.09 -19.45 -1.33
CA THR A 13 3.26 -18.90 -0.65
C THR A 13 2.98 -17.50 -0.13
N ASP A 14 3.90 -16.97 0.69
CA ASP A 14 3.81 -15.59 1.15
C ASP A 14 4.67 -14.69 0.27
N VAL A 15 5.01 -15.18 -0.91
CA VAL A 15 5.86 -14.46 -1.86
C VAL A 15 5.02 -13.58 -2.79
N TYR A 16 5.38 -12.31 -2.87
CA TYR A 16 4.68 -11.36 -3.73
C TYR A 16 5.66 -10.64 -4.64
N ILE A 17 5.42 -10.76 -5.94
CA ILE A 17 6.28 -10.15 -6.95
C ILE A 17 5.47 -9.62 -8.13
N ASP A 18 6.14 -8.91 -9.02
CA ASP A 18 5.55 -8.39 -10.25
C ASP A 18 4.70 -9.45 -10.94
N ILE A 19 3.49 -9.07 -11.29
CA ILE A 19 2.55 -9.97 -11.94
C ILE A 19 3.11 -10.43 -13.29
N ASP A 20 3.97 -9.60 -13.90
CA ASP A 20 4.50 -9.89 -15.23
C ASP A 20 5.81 -10.68 -15.18
N ALA A 21 6.36 -10.88 -13.99
CA ALA A 21 7.65 -11.55 -13.85
C ALA A 21 7.53 -13.06 -13.97
N TYR A 22 6.36 -13.59 -13.67
CA TYR A 22 6.16 -15.04 -13.66
C TYR A 22 4.71 -15.38 -13.95
N GLU A 23 4.51 -16.47 -14.68
CA GLU A 23 3.21 -16.78 -15.26
C GLU A 23 2.20 -17.20 -14.20
N GLU A 24 2.64 -18.02 -13.26
CA GLU A 24 1.74 -18.59 -12.25
C GLU A 24 1.37 -17.58 -11.16
N VAL A 25 2.03 -16.44 -11.14
CA VAL A 25 1.72 -15.39 -10.17
C VAL A 25 0.39 -14.72 -10.51
N LYS A 26 -0.49 -14.65 -9.53
CA LYS A 26 -1.83 -14.09 -9.72
C LYS A 26 -2.21 -13.08 -8.65
N GLU A 27 -2.84 -11.98 -9.07
CA GLU A 27 -3.44 -11.03 -8.16
C GLU A 27 -4.49 -11.72 -7.30
N ILE A 28 -4.61 -11.29 -6.05
CA ILE A 28 -5.63 -11.83 -5.15
C ILE A 28 -6.98 -11.16 -5.42
N PRO A 29 -8.04 -11.96 -5.61
CA PRO A 29 -9.38 -11.37 -5.78
C PRO A 29 -9.77 -10.48 -4.61
N GLY A 30 -10.09 -9.22 -4.89
CA GLY A 30 -10.50 -8.28 -3.86
C GLY A 30 -9.39 -7.36 -3.39
N ILE A 31 -8.15 -7.66 -3.79
CA ILE A 31 -7.00 -6.90 -3.34
C ILE A 31 -6.15 -6.43 -4.52
N LYS A 32 -5.83 -5.14 -4.52
CA LYS A 32 -4.83 -4.58 -5.41
C LYS A 32 -3.54 -4.36 -4.64
N ILE A 33 -2.44 -4.84 -5.18
CA ILE A 33 -1.13 -4.63 -4.57
C ILE A 33 -0.25 -3.84 -5.52
N PHE A 34 0.22 -2.68 -5.05
CA PHE A 34 1.07 -1.79 -5.84
C PHE A 34 2.41 -1.57 -5.15
N GLN A 35 3.49 -1.95 -5.83
CA GLN A 35 4.83 -1.63 -5.35
C GLN A 35 5.21 -0.23 -5.78
N ILE A 36 5.50 0.63 -4.81
CA ILE A 36 5.88 2.01 -5.09
C ILE A 36 7.33 2.06 -5.58
N ASN A 37 7.52 2.57 -6.80
CA ASN A 37 8.84 2.60 -7.43
C ASN A 37 9.39 4.03 -7.59
N ALA A 38 8.51 5.00 -7.50
CA ALA A 38 8.89 6.42 -7.51
C ALA A 38 8.14 7.11 -6.38
N PRO A 39 8.48 8.38 -6.09
CA PRO A 39 7.71 9.06 -5.05
C PRO A 39 6.21 9.05 -5.38
N ILE A 40 5.38 8.85 -4.37
CA ILE A 40 3.98 8.46 -4.58
C ILE A 40 3.17 9.43 -5.46
N TYR A 41 3.61 10.68 -5.57
CA TYR A 41 2.85 11.65 -6.36
C TYR A 41 3.04 11.42 -7.87
N TYR A 42 4.05 10.66 -8.25
CA TYR A 42 4.24 10.29 -9.65
C TYR A 42 3.38 9.09 -10.01
N ALA A 43 3.25 8.17 -9.06
CA ALA A 43 2.34 7.03 -9.22
C ALA A 43 0.91 7.50 -9.10
N ASN A 44 0.71 8.58 -8.35
CA ASN A 44 -0.61 9.18 -8.18
C ASN A 44 -1.13 9.74 -9.50
N SER A 45 -0.22 10.19 -10.36
CA SER A 45 -0.59 10.69 -11.67
C SER A 45 -1.17 9.58 -12.55
N ASP A 46 -0.73 8.36 -12.31
CA ASP A 46 -1.23 7.19 -13.03
C ASP A 46 -2.57 6.74 -12.44
N LEU A 47 -2.68 6.88 -11.12
CA LEU A 47 -3.93 6.58 -10.41
C LEU A 47 -5.05 7.43 -11.00
N TYR A 48 -4.76 8.70 -11.21
CA TYR A 48 -5.69 9.63 -11.84
C TYR A 48 -5.77 9.38 -13.34
N GLU A 62 -14.91 -3.89 -10.44
CA GLU A 62 -14.02 -3.65 -9.31
C GLU A 62 -14.28 -4.66 -8.20
N ASN A 63 -15.07 -4.23 -7.21
CA ASN A 63 -15.30 -5.02 -6.02
C ASN A 63 -13.94 -5.18 -5.33
N ILE A 64 -13.29 -4.07 -4.99
CA ILE A 64 -11.99 -4.11 -4.32
C ILE A 64 -12.21 -3.69 -2.86
N HIS A 65 -11.77 -4.52 -1.92
CA HIS A 65 -11.97 -4.20 -0.52
C HIS A 65 -10.68 -3.70 0.13
N THR A 66 -9.54 -3.94 -0.53
CA THR A 66 -8.24 -3.56 0.01
C THR A 66 -7.23 -3.15 -1.05
N VAL A 67 -6.52 -2.05 -0.78
CA VAL A 67 -5.36 -1.66 -1.57
C VAL A 67 -4.12 -1.72 -0.69
N ILE A 68 -3.17 -2.56 -1.08
CA ILE A 68 -1.91 -2.68 -0.36
C ILE A 68 -0.80 -1.98 -1.12
N LEU A 69 -0.20 -0.98 -0.49
CA LEU A 69 0.95 -0.29 -1.06
C LEU A 69 2.23 -0.80 -0.41
N ASP A 70 3.11 -1.40 -1.22
CA ASP A 70 4.39 -1.91 -0.74
C ASP A 70 5.45 -0.79 -0.75
N PHE A 71 5.97 -0.49 0.42
CA PHE A 71 6.92 0.61 0.61
C PHE A 71 8.37 0.12 0.76
N THR A 72 8.63 -1.12 0.39
CA THR A 72 9.95 -1.71 0.63
C THR A 72 11.06 -0.97 -0.10
N GLN A 73 10.71 -0.30 -1.20
CA GLN A 73 11.70 0.44 -1.99
C GLN A 73 11.80 1.91 -1.62
N VAL A 74 11.04 2.33 -0.61
CA VAL A 74 11.00 3.74 -0.22
C VAL A 74 11.89 3.98 1.00
N ASN A 75 12.81 4.93 0.87
CA ASN A 75 13.78 5.21 1.92
C ASN A 75 13.42 6.41 2.78
N PHE A 76 12.68 7.35 2.20
CA PHE A 76 12.11 8.46 2.95
C PHE A 76 10.96 9.09 2.16
N MSE A 77 10.18 9.91 2.85
CA MSE A 77 9.08 10.64 2.22
C MSE A 77 9.21 12.13 2.54
O MSE A 77 9.74 12.49 3.58
CB MSE A 77 7.73 10.13 2.71
CG MSE A 77 7.49 8.64 2.52
SE MSE A 77 5.70 8.09 3.08
CE MSE A 77 4.65 9.08 1.78
H MSE A 77 10.26 10.07 3.69
HA MSE A 77 9.13 10.52 1.25
HB2 MSE A 77 7.64 10.32 3.66
HB3 MSE A 77 7.02 10.60 2.22
HG2 MSE A 77 7.58 8.42 1.58
HG3 MSE A 77 8.13 8.14 3.04
HE1 MSE A 77 3.71 8.91 1.92
HE2 MSE A 77 4.83 10.03 1.88
HE3 MSE A 77 4.90 8.79 0.88
N ASP A 78 8.73 12.98 1.63
CA ASP A 78 8.66 14.41 1.88
C ASP A 78 7.23 14.77 2.26
N SER A 79 7.04 16.00 2.73
CA SER A 79 5.73 16.47 3.15
C SER A 79 4.67 16.29 2.07
N VAL A 80 5.09 16.45 0.82
CA VAL A 80 4.17 16.40 -0.31
C VAL A 80 3.69 14.97 -0.56
N GLY A 81 4.55 14.00 -0.29
CA GLY A 81 4.20 12.60 -0.43
C GLY A 81 3.20 12.16 0.63
N VAL A 82 3.45 12.57 1.87
CA VAL A 82 2.59 12.20 2.99
C VAL A 82 1.19 12.77 2.79
N LYS A 83 1.12 14.04 2.40
CA LYS A 83 -0.15 14.68 2.11
C LYS A 83 -0.88 13.93 0.99
N THR A 84 -0.15 13.56 -0.04
CA THR A 84 -0.69 12.81 -1.15
C THR A 84 -1.22 11.46 -0.69
N LEU A 85 -0.38 10.72 0.03
CA LEU A 85 -0.75 9.42 0.58
C LEU A 85 -1.98 9.55 1.48
N ALA A 86 -1.96 10.57 2.33
CA ALA A 86 -3.06 10.83 3.25
C ALA A 86 -4.37 11.00 2.47
N GLY A 87 -4.31 11.75 1.38
CA GLY A 87 -5.47 11.96 0.53
C GLY A 87 -5.95 10.67 -0.12
N ILE A 88 -5.01 9.84 -0.58
CA ILE A 88 -5.35 8.56 -1.20
C ILE A 88 -6.03 7.64 -0.18
N VAL A 89 -5.50 7.60 1.04
CA VAL A 89 -6.05 6.78 2.10
C VAL A 89 -7.48 7.18 2.43
N LYS A 90 -7.73 8.48 2.51
CA LYS A 90 -9.03 9.01 2.88
C LYS A 90 -10.09 8.72 1.82
N GLU A 91 -9.81 9.10 0.58
CA GLU A 91 -10.81 9.04 -0.48
C GLU A 91 -11.14 7.60 -0.88
N TYR A 92 -10.22 6.69 -0.63
CA TYR A 92 -10.52 5.26 -0.73
C TYR A 92 -11.36 4.81 0.46
N GLY A 93 -11.03 5.36 1.63
CA GLY A 93 -11.69 4.97 2.85
C GLY A 93 -13.12 5.48 2.93
N ASP A 94 -13.39 6.56 2.22
CA ASP A 94 -14.73 7.13 2.18
C ASP A 94 -15.69 6.25 1.36
N VAL A 95 -15.14 5.24 0.68
CA VAL A 95 -15.95 4.24 -0.01
C VAL A 95 -15.67 2.84 0.53
N GLY A 96 -15.24 2.77 1.79
CA GLY A 96 -15.09 1.51 2.48
C GLY A 96 -13.87 0.68 2.10
N ILE A 97 -12.96 1.27 1.33
CA ILE A 97 -11.75 0.56 0.91
C ILE A 97 -10.55 0.95 1.77
N TYR A 98 -9.90 -0.06 2.35
CA TYR A 98 -8.71 0.14 3.19
C TYR A 98 -7.45 0.23 2.34
N VAL A 99 -6.67 1.28 2.56
CA VAL A 99 -5.32 1.38 2.00
C VAL A 99 -4.29 1.00 3.06
N TYR A 100 -3.67 -0.16 2.90
CA TYR A 100 -2.63 -0.63 3.81
C TYR A 100 -1.23 -0.27 3.33
N LEU A 101 -0.36 0.07 4.27
CA LEU A 101 1.03 0.41 3.98
C LEU A 101 1.95 -0.70 4.47
N ALA A 102 2.57 -1.41 3.54
CA ALA A 102 3.44 -2.54 3.87
C ALA A 102 4.91 -2.22 3.63
N GLY A 103 5.76 -2.62 4.57
CA GLY A 103 7.20 -2.50 4.41
C GLY A 103 7.75 -1.10 4.63
N CYS A 104 7.06 -0.29 5.43
CA CYS A 104 7.58 1.03 5.78
C CYS A 104 8.72 0.87 6.77
N SER A 105 9.86 1.47 6.44
CA SER A 105 10.98 1.50 7.37
C SER A 105 10.67 2.44 8.54
N ALA A 106 11.49 2.31 9.58
CA ALA A 106 11.43 3.20 10.74
C ALA A 106 11.52 4.65 10.30
N GLN A 107 12.36 4.92 9.31
CA GLN A 107 12.53 6.28 8.82
C GLN A 107 11.27 6.77 8.11
N VAL A 108 10.69 5.94 7.27
CA VAL A 108 9.48 6.32 6.55
C VAL A 108 8.33 6.53 7.52
N VAL A 109 8.25 5.70 8.56
CA VAL A 109 7.23 5.87 9.58
C VAL A 109 7.42 7.19 10.31
N ASN A 110 8.68 7.54 10.59
CA ASN A 110 9.00 8.83 11.19
C ASN A 110 8.55 9.97 10.29
N ASP A 111 8.82 9.86 8.99
CA ASP A 111 8.41 10.88 8.04
C ASP A 111 6.90 11.07 8.05
N LEU A 112 6.17 9.97 8.11
CA LEU A 112 4.71 10.03 8.19
C LEU A 112 4.29 10.74 9.47
N THR A 113 4.95 10.38 10.57
CA THR A 113 4.65 10.94 11.88
C THR A 113 4.98 12.42 11.93
N SER A 114 6.17 12.78 11.45
CA SER A 114 6.61 14.17 11.44
C SER A 114 5.66 15.07 10.66
N ASN A 115 5.04 14.50 9.62
CA ASN A 115 4.10 15.25 8.81
C ASN A 115 2.67 14.97 9.25
N ARG A 116 2.53 14.43 10.45
CA ARG A 116 1.24 14.34 11.11
C ARG A 116 0.25 13.46 10.36
N PHE A 117 0.76 12.39 9.77
CA PHE A 117 -0.06 11.42 9.07
C PHE A 117 -0.94 10.65 10.07
N PHE A 118 -0.34 10.34 11.22
CA PHE A 118 -1.03 9.61 12.29
C PHE A 118 -1.61 10.57 13.32
N GLU A 119 -1.98 11.78 12.88
CA GLU A 119 -2.66 12.73 13.75
C GLU A 119 -3.85 12.03 14.39
N ASN A 120 -4.52 11.22 13.58
CA ASN A 120 -5.50 10.27 14.05
C ASN A 120 -4.80 8.95 14.39
N PRO A 121 -4.62 8.63 15.68
CA PRO A 121 -3.90 7.41 16.05
C PRO A 121 -4.45 6.13 15.42
N ALA A 122 -5.70 6.19 14.95
CA ALA A 122 -6.34 5.04 14.32
C ALA A 122 -5.63 4.61 13.03
N LEU A 123 -4.97 5.56 12.38
CA LEU A 123 -4.27 5.27 11.12
C LEU A 123 -3.04 4.37 11.33
N LYS A 124 -2.64 4.17 12.58
CA LYS A 124 -1.54 3.26 12.90
C LYS A 124 -1.89 1.82 12.53
N GLU A 125 -3.19 1.55 12.44
CA GLU A 125 -3.66 0.20 12.14
C GLU A 125 -3.51 -0.15 10.66
N LEU A 126 -3.12 0.82 9.84
CA LEU A 126 -2.89 0.58 8.41
C LEU A 126 -1.46 0.13 8.14
N LEU A 127 -0.62 0.17 9.17
CA LEU A 127 0.78 -0.24 9.03
C LEU A 127 0.94 -1.75 9.19
N PHE A 128 1.63 -2.36 8.24
CA PHE A 128 1.99 -3.78 8.32
C PHE A 128 3.45 -3.94 7.93
N HIS A 129 4.09 -5.00 8.42
CA HIS A 129 5.51 -5.20 8.17
C HIS A 129 5.77 -5.73 6.77
N SER A 130 5.09 -6.82 6.42
CA SER A 130 5.21 -7.43 5.11
C SER A 130 3.91 -7.28 4.33
N ILE A 131 3.97 -7.57 3.04
CA ILE A 131 2.79 -7.58 2.19
C ILE A 131 1.81 -8.64 2.67
N HIS A 132 2.34 -9.81 3.01
CA HIS A 132 1.53 -10.94 3.46
C HIS A 132 0.77 -10.61 4.74
N ASP A 133 1.43 -9.92 5.66
CA ASP A 133 0.81 -9.48 6.90
C ASP A 133 -0.41 -8.62 6.61
N ALA A 134 -0.27 -7.75 5.62
CA ALA A 134 -1.35 -6.85 5.25
C ALA A 134 -2.48 -7.61 4.57
N VAL A 135 -2.14 -8.67 3.82
CA VAL A 135 -3.15 -9.51 3.19
C VAL A 135 -3.97 -10.23 4.25
N LEU A 136 -3.29 -10.79 5.24
CA LEU A 136 -3.97 -11.47 6.35
C LEU A 136 -4.82 -10.48 7.16
N GLY A 137 -4.35 -9.24 7.24
CA GLY A 137 -5.04 -8.21 8.01
C GLY A 137 -6.34 -7.76 7.37
N SER A 138 -6.48 -8.01 6.07
CA SER A 138 -7.70 -7.65 5.36
C SER A 138 -8.75 -8.75 5.47
N GLN A 139 -8.33 -9.92 5.96
CA GLN A 139 -9.17 -11.10 5.95
C GLN A 139 -10.44 -10.90 6.76
N VAL A 140 -10.28 -10.53 8.03
CA VAL A 140 -11.41 -10.11 8.85
C VAL A 140 -11.08 -8.79 9.52
N ARG A 141 -11.99 -7.83 9.39
CA ARG A 141 -11.81 -6.52 10.01
C ARG A 141 -13.14 -5.78 10.07
N GLU A 142 -13.22 -4.80 10.96
CA GLU A 142 -14.42 -3.99 11.09
C GLU A 142 -14.79 -3.35 9.76
N ALA A 143 -16.09 -3.38 9.45
CA ALA A 143 -16.59 -2.89 8.17
C ALA A 143 -16.52 -1.37 8.10
I IOD B . 7.09 9.87 -1.19
I IOD C . -8.81 8.85 6.77
I IOD D . 13.07 -4.75 -4.26
I IOD E . 7.29 -8.11 1.72
C1 EDO F . -4.73 -15.04 -0.09
O1 EDO F . -4.55 -16.17 -0.95
C2 EDO F . -3.86 -15.19 1.16
O2 EDO F . -3.25 -16.48 1.17
H11 EDO F . -4.46 -14.13 -0.63
H12 EDO F . -5.78 -14.97 0.20
HO1 EDO F . -5.10 -16.07 -1.74
H21 EDO F . -3.10 -14.41 1.16
H22 EDO F . -4.48 -15.07 2.05
HO2 EDO F . -2.70 -16.57 1.96
C1 EDO G . -4.51 -1.11 -12.34
O1 EDO G . -3.29 -0.81 -13.03
C2 EDO G . -4.51 -2.54 -11.83
O2 EDO G . -4.31 -3.47 -12.89
H11 EDO G . -4.62 -0.42 -11.50
H12 EDO G . -5.35 -0.96 -13.02
HO1 EDO G . -3.31 0.10 -13.35
H21 EDO G . -3.71 -2.66 -11.09
H22 EDO G . -5.46 -2.75 -11.34
HO2 EDO G . -4.32 -4.38 -12.54
C1 EDO H . 3.45 7.10 15.47
O1 EDO H . 2.96 7.50 16.76
C2 EDO H . 3.63 5.59 15.41
O2 EDO H . 3.01 5.06 14.23
H11 EDO H . 2.73 7.42 14.70
H12 EDO H . 4.40 7.60 15.26
HO1 EDO H . 2.85 8.46 16.77
H21 EDO H . 4.70 5.35 15.40
H22 EDO H . 3.18 5.13 16.30
HO2 EDO H . 3.13 4.10 14.20
C1 EDO I . 15.43 1.42 8.90
O1 EDO I . 14.86 2.74 8.91
C2 EDO I . 14.50 0.49 9.68
O2 EDO I . 13.85 -0.42 8.78
H11 EDO I . 15.51 1.07 7.87
H12 EDO I . 16.42 1.44 9.35
HO1 EDO I . 15.43 3.34 8.42
H21 EDO I . 15.08 -0.07 10.41
H22 EDO I . 13.75 1.08 10.23
HO2 EDO I . 13.26 -1.00 9.28
C1 EDO J . 18.38 6.14 8.93
O1 EDO J . 19.04 6.77 10.05
C2 EDO J . 16.95 6.56 8.65
O2 EDO J . 16.67 5.80 7.47
H11 EDO J . 18.97 6.33 8.04
H12 EDO J . 18.39 5.06 9.09
HO1 EDO J . 19.93 6.43 10.13
H21 EDO J . 16.28 6.29 9.46
H22 EDO J . 16.88 7.64 8.45
HO2 EDO J . 15.76 5.98 7.17
C1 PGE K . -9.44 3.58 9.53
O1 PGE K . -8.54 2.74 10.22
C2 PGE K . -8.85 3.99 8.19
O2 PGE K . -9.89 4.17 7.25
C3 PGE K . -10.23 2.98 6.56
C4 PGE K . -11.55 3.15 5.84
O4 PGE K . -14.57 1.19 8.89
C6 PGE K . -14.16 1.20 7.54
C5 PGE K . -13.20 2.36 7.32
O3 PGE K . -12.43 2.10 6.18
H1 PGE K . -10.41 3.08 9.34
H12 PGE K . -9.65 4.50 10.10
HO1 PGE K . -9.05 2.19 10.84
H2 PGE K . -8.28 4.92 8.32
H22 PGE K . -8.15 3.20 7.86
H3 PGE K . -9.45 2.72 5.82
H32 PGE K . -10.32 2.14 7.27
H4 PGE K . -11.99 4.13 6.11
H42 PGE K . -11.37 3.18 4.74
HO4 PGE K . -14.71 2.09 9.18
H6 PGE K . -15.03 1.34 6.87
H62 PGE K . -13.66 0.27 7.25
H5 PGE K . -12.57 2.46 8.22
H52 PGE K . -13.78 3.28 7.20
C1 PEG L . 10.88 -19.54 2.02
O1 PEG L . 12.14 -18.88 1.91
C2 PEG L . 9.78 -18.55 1.67
O2 PEG L . 8.63 -19.26 1.21
C3 PEG L . 7.88 -19.85 2.28
C4 PEG L . 6.42 -19.49 2.11
O4 PEG L . 5.71 -20.69 1.80
H11 PEG L . 10.84 -20.39 1.32
H12 PEG L . 10.74 -19.90 3.03
HO1 PEG L . 12.85 -19.50 2.12
H21 PEG L . 9.52 -17.95 2.55
H22 PEG L . 10.12 -17.87 0.88
H31 PEG L . 8.01 -20.93 2.26
H32 PEG L . 8.25 -19.47 3.23
H41 PEG L . 6.03 -19.06 3.05
H42 PEG L . 6.29 -18.76 1.32
HO4 PEG L . 4.77 -20.49 1.70
C1 PEG M . -6.76 15.85 12.28
O1 PEG M . -7.50 17.03 11.97
C2 PEG M . -7.43 15.13 13.44
O2 PEG M . -7.93 13.87 13.00
C3 PEG M . -9.35 13.78 12.94
C4 PEG M . -9.80 12.33 13.00
O4 PEG M . -10.33 11.98 11.71
H11 PEG M . -6.71 15.20 11.41
H12 PEG M . -5.73 16.12 12.56
HO1 PEG M . -7.08 17.50 11.24
H21 PEG M . -6.73 14.99 14.26
H22 PEG M . -8.27 15.73 13.80
H31 PEG M . -9.78 14.34 13.78
H32 PEG M . -9.71 14.23 12.02
H41 PEG M . -8.95 11.68 13.25
H42 PEG M . -10.57 12.20 13.76
HO4 PEG M . -10.63 11.06 11.73
#